data_3CS0
#
_entry.id   3CS0
#
_cell.length_a   253.929
_cell.length_b   253.929
_cell.length_c   253.929
_cell.angle_alpha   90.000
_cell.angle_beta   90.000
_cell.angle_gamma   90.000
#
_symmetry.space_group_name_H-M   'F 4 3 2'
#
loop_
_entity.id
_entity.type
_entity.pdbx_description
1 polymer 'Periplasmic serine endoprotease DegP'
2 polymer pentapeptide
#
loop_
_entity_poly.entity_id
_entity_poly.type
_entity_poly.pdbx_seq_one_letter_code
_entity_poly.pdbx_strand_id
1 'polypeptide(L)'
;AETSSATTAQQ(MSE)PSLAP(MSE)LEKV(MSE)PSVVSINVEGSTTVNTPR(MSE)PRNFQQFFGDDSPFCQEGSPFQ
SSPFCQGGQGGNGGGQQQKF(MSE)ALGSGVIIDADKGYVVTNNHVVDNATVIKVQLSDGRKFDAK(MSE)VGKDPRSDI
ALIQIQNPKNLTAIK(MSE)ADSDALRVGDYTVAIGNPFGLGETVTSGIVSALGRSGLNAENYENFIQTDAAINRGNAGG
ALVNLNGELIGINTAILAPDGGNIGIGFAIPSN(MSE)VKNLTSQ(MSE)VEYGQVKRGELGI(MSE)GTELNSELAKA
(MSE)KVDAQRGAFVSQVLPNSSAAKAGIKAGDVITSLNGKPISSFAALRAQVGT(MSE)PVGSKLTLGLLRDGKQVNVN
LELQQSSQNQVDSSSIFNGIEGAE(MSE)SNKGKDQGVVVNNVKTGTPAAQIGLKKGDVIIGANQQAVKNIAELRKVLDS
KPSVLALNIQRGDSTIYLL(MSE)Q
;
A
2 'polypeptide(L)' (UNK)(UNK)(UNK)(UNK)(UNK) B
#
# COMPACT_ATOMS: atom_id res chain seq x y z
N GLN A 11 -11.86 -5.37 -39.89
CA GLN A 11 -11.79 -3.94 -40.35
C GLN A 11 -12.36 -2.91 -39.36
N PRO A 13 -11.90 -1.22 -35.47
CA PRO A 13 -11.01 -1.14 -34.31
C PRO A 13 -11.70 -1.70 -33.04
N SER A 14 -10.96 -2.37 -32.16
CA SER A 14 -11.56 -2.94 -30.96
C SER A 14 -10.63 -3.27 -29.78
N LEU A 15 -11.10 -3.11 -28.55
CA LEU A 15 -10.26 -3.47 -27.39
C LEU A 15 -10.32 -5.00 -27.17
N ALA A 16 -11.12 -5.70 -27.97
CA ALA A 16 -11.29 -7.13 -27.80
C ALA A 16 -9.98 -7.96 -27.77
N PRO A 17 -9.16 -7.83 -28.81
CA PRO A 17 -7.90 -8.58 -28.87
C PRO A 17 -7.04 -8.43 -27.62
N LEU A 19 -8.04 -7.39 -24.66
CA LEU A 19 -8.76 -7.92 -23.52
C LEU A 19 -8.80 -9.46 -23.45
N GLU A 20 -8.73 -10.13 -24.61
CA GLU A 20 -8.77 -11.60 -24.64
C GLU A 20 -7.56 -12.11 -23.85
N LYS A 21 -6.45 -11.41 -23.92
CA LYS A 21 -5.25 -11.83 -23.21
C LYS A 21 -5.21 -11.41 -21.73
N VAL A 22 -5.66 -10.19 -21.46
CA VAL A 22 -5.63 -9.61 -20.14
C VAL A 22 -6.73 -9.96 -19.12
N PRO A 24 -8.18 -12.74 -18.04
CA PRO A 24 -7.96 -13.85 -17.10
C PRO A 24 -7.14 -13.40 -15.88
N SER A 25 -6.38 -12.32 -16.04
CA SER A 25 -5.55 -11.80 -14.97
C SER A 25 -6.35 -11.13 -13.87
N VAL A 26 -7.53 -10.59 -14.19
CA VAL A 26 -8.31 -9.92 -13.16
C VAL A 26 -9.25 -10.91 -12.51
N VAL A 27 -9.57 -10.69 -11.23
CA VAL A 27 -10.43 -11.63 -10.50
C VAL A 27 -11.41 -10.91 -9.60
N SER A 28 -12.47 -11.61 -9.17
CA SER A 28 -13.45 -11.01 -8.24
C SER A 28 -13.17 -11.65 -6.88
N ILE A 29 -13.33 -10.87 -5.83
CA ILE A 29 -13.05 -11.33 -4.49
C ILE A 29 -14.27 -11.28 -3.61
N ASN A 30 -14.49 -12.36 -2.86
CA ASN A 30 -15.61 -12.43 -1.92
C ASN A 30 -15.06 -12.59 -0.54
N VAL A 31 -15.54 -11.75 0.38
CA VAL A 31 -15.06 -11.75 1.73
C VAL A 31 -16.14 -11.94 2.76
N GLU A 32 -15.78 -12.61 3.85
CA GLU A 32 -16.66 -12.87 5.00
C GLU A 32 -15.89 -12.45 6.25
N GLY A 33 -16.43 -11.49 7.01
CA GLY A 33 -15.72 -11.07 8.20
C GLY A 33 -16.57 -10.76 9.41
N SER A 34 -15.97 -10.07 10.37
CA SER A 34 -16.64 -9.68 11.60
C SER A 34 -15.74 -8.76 12.40
N THR A 35 -16.35 -7.87 13.18
CA THR A 35 -15.64 -6.90 14.02
C THR A 35 -16.48 -6.61 15.27
N GLN A 82 -21.12 -9.27 15.22
CA GLN A 82 -21.45 -8.65 13.95
C GLN A 82 -20.79 -9.38 12.78
N LYS A 83 -21.59 -9.84 11.83
CA LYS A 83 -21.04 -10.53 10.67
C LYS A 83 -21.29 -9.72 9.40
N PHE A 84 -20.34 -9.75 8.47
CA PHE A 84 -20.48 -9.01 7.22
C PHE A 84 -19.93 -9.74 6.00
N ALA A 86 -18.51 -8.80 1.94
CA ALA A 86 -18.04 -7.72 1.09
C ALA A 86 -17.56 -8.31 -0.23
N LEU A 87 -17.51 -7.47 -1.26
CA LEU A 87 -17.03 -7.96 -2.55
C LEU A 87 -16.27 -6.89 -3.33
N GLY A 88 -15.24 -7.32 -4.06
CA GLY A 88 -14.45 -6.41 -4.83
C GLY A 88 -13.64 -7.16 -5.87
N SER A 89 -12.55 -6.57 -6.32
CA SER A 89 -11.74 -7.21 -7.33
C SER A 89 -10.29 -7.35 -6.92
N GLY A 90 -9.52 -8.02 -7.75
CA GLY A 90 -8.11 -8.19 -7.47
C GLY A 90 -7.37 -8.48 -8.75
N VAL A 91 -6.07 -8.21 -8.74
CA VAL A 91 -5.27 -8.48 -9.91
C VAL A 91 -4.16 -9.47 -9.61
N ILE A 92 -4.08 -10.49 -10.45
CA ILE A 92 -3.05 -11.51 -10.32
C ILE A 92 -1.70 -10.93 -10.74
N ILE A 93 -0.82 -10.81 -9.75
CA ILE A 93 0.51 -10.25 -9.91
C ILE A 93 1.63 -11.26 -10.26
N ASP A 94 1.50 -12.49 -9.76
CA ASP A 94 2.46 -13.60 -10.01
C ASP A 94 1.67 -14.90 -10.22
N ALA A 95 1.68 -15.45 -11.43
CA ALA A 95 0.89 -16.64 -11.70
C ALA A 95 1.29 -17.86 -10.92
N ASP A 96 2.60 -18.12 -10.85
CA ASP A 96 3.12 -19.27 -10.14
C ASP A 96 2.74 -19.30 -8.65
N LYS A 97 3.01 -18.23 -7.93
CA LYS A 97 2.70 -18.20 -6.52
C LYS A 97 1.25 -17.87 -6.18
N GLY A 98 0.50 -17.41 -7.17
CA GLY A 98 -0.88 -17.04 -6.92
C GLY A 98 -1.04 -15.75 -6.14
N TYR A 99 -0.10 -14.83 -6.26
CA TYR A 99 -0.23 -13.54 -5.55
C TYR A 99 -1.27 -12.70 -6.25
N VAL A 100 -2.16 -12.11 -5.47
CA VAL A 100 -3.22 -11.27 -6.02
C VAL A 100 -3.28 -9.96 -5.23
N VAL A 101 -3.13 -8.85 -5.95
CA VAL A 101 -3.17 -7.53 -5.31
C VAL A 101 -4.62 -7.04 -5.17
N THR A 102 -4.85 -6.07 -4.29
CA THR A 102 -6.20 -5.58 -4.09
C THR A 102 -6.23 -4.49 -3.03
N ASN A 103 -7.32 -3.73 -2.97
CA ASN A 103 -7.44 -2.67 -1.97
C ASN A 103 -7.49 -3.28 -0.59
N ASN A 104 -6.77 -2.67 0.34
CA ASN A 104 -6.78 -3.18 1.69
C ASN A 104 -8.15 -3.00 2.29
N HIS A 105 -8.89 -1.99 1.85
CA HIS A 105 -10.21 -1.79 2.42
C HIS A 105 -11.24 -2.85 2.01
N VAL A 106 -10.89 -3.76 1.11
CA VAL A 106 -11.81 -4.81 0.63
C VAL A 106 -11.75 -6.10 1.43
N VAL A 107 -10.53 -6.49 1.77
CA VAL A 107 -10.25 -7.72 2.48
C VAL A 107 -9.97 -7.48 3.98
N ASP A 108 -10.00 -6.22 4.41
CA ASP A 108 -9.74 -5.89 5.81
C ASP A 108 -10.71 -6.52 6.82
N ASN A 109 -10.18 -7.10 7.89
CA ASN A 109 -11.00 -7.73 8.91
C ASN A 109 -11.81 -8.87 8.28
N ALA A 110 -11.16 -9.65 7.44
CA ALA A 110 -11.85 -10.75 6.78
C ALA A 110 -11.44 -12.09 7.39
N THR A 111 -12.45 -12.84 7.81
CA THR A 111 -12.28 -14.16 8.40
C THR A 111 -12.06 -15.18 7.29
N VAL A 112 -12.67 -14.92 6.13
CA VAL A 112 -12.55 -15.82 4.98
C VAL A 112 -12.57 -15.06 3.66
N ILE A 113 -11.62 -15.34 2.77
CA ILE A 113 -11.60 -14.68 1.46
C ILE A 113 -11.50 -15.67 0.31
N LYS A 114 -12.47 -15.59 -0.60
CA LYS A 114 -12.48 -16.48 -1.77
C LYS A 114 -12.35 -15.69 -3.10
N VAL A 115 -11.42 -16.16 -3.93
CA VAL A 115 -11.12 -15.57 -5.23
C VAL A 115 -11.78 -16.33 -6.38
N GLN A 116 -12.42 -15.63 -7.32
CA GLN A 116 -13.03 -16.33 -8.45
C GLN A 116 -12.53 -15.83 -9.81
N LEU A 117 -11.93 -16.73 -10.57
CA LEU A 117 -11.39 -16.38 -11.88
C LEU A 117 -12.45 -16.04 -12.91
N SER A 118 -12.02 -15.51 -14.05
CA SER A 118 -12.95 -15.16 -15.11
C SER A 118 -13.55 -16.40 -15.76
N ASP A 119 -12.87 -17.55 -15.64
CA ASP A 119 -13.35 -18.80 -16.24
C ASP A 119 -14.34 -19.56 -15.37
N GLY A 120 -14.56 -19.08 -14.15
CA GLY A 120 -15.51 -19.73 -13.27
C GLY A 120 -14.89 -20.31 -12.01
N ARG A 121 -13.69 -20.88 -12.17
CA ARG A 121 -12.99 -21.49 -11.04
C ARG A 121 -12.94 -20.65 -9.77
N LYS A 122 -13.19 -21.29 -8.63
CA LYS A 122 -13.10 -20.60 -7.33
C LYS A 122 -11.95 -21.19 -6.52
N PHE A 123 -11.24 -20.35 -5.80
CA PHE A 123 -10.13 -20.79 -4.95
C PHE A 123 -10.23 -20.05 -3.62
N ASP A 124 -9.49 -20.53 -2.63
CA ASP A 124 -9.48 -19.82 -1.36
C ASP A 124 -8.16 -19.11 -1.31
N ALA A 125 -8.16 -17.93 -0.73
CA ALA A 125 -6.92 -17.19 -0.62
C ALA A 125 -6.74 -16.74 0.82
N LYS A 126 -5.49 -16.63 1.22
CA LYS A 126 -5.15 -16.19 2.55
C LYS A 126 -4.35 -14.89 2.37
N VAL A 128 -1.29 -12.08 3.07
CA VAL A 128 0.16 -12.15 3.24
C VAL A 128 0.69 -10.77 3.66
N GLY A 129 0.05 -9.71 3.18
CA GLY A 129 0.46 -8.36 3.54
C GLY A 129 -0.71 -7.38 3.46
N LYS A 130 -0.60 -6.21 4.09
CA LYS A 130 -1.69 -5.22 4.03
C LYS A 130 -1.27 -3.88 4.61
N ASP A 131 -1.23 -2.85 3.77
CA ASP A 131 -0.83 -1.51 4.20
C ASP A 131 -1.95 -0.49 4.11
N PRO A 132 -2.62 -0.21 5.25
CA PRO A 132 -3.73 0.74 5.34
C PRO A 132 -3.42 2.15 4.86
N ARG A 133 -2.18 2.60 5.08
CA ARG A 133 -1.82 3.95 4.67
C ARG A 133 -1.93 4.14 3.15
N SER A 134 -1.45 3.18 2.36
CA SER A 134 -1.55 3.29 0.92
C SER A 134 -2.79 2.58 0.36
N ASP A 135 -3.45 1.80 1.20
CA ASP A 135 -4.63 1.04 0.85
C ASP A 135 -4.38 -0.08 -0.17
N ILE A 136 -3.27 -0.78 0.01
CA ILE A 136 -2.91 -1.88 -0.85
C ILE A 136 -2.72 -3.09 0.03
N ALA A 137 -3.41 -4.18 -0.27
CA ALA A 137 -3.29 -5.42 0.50
C ALA A 137 -2.88 -6.49 -0.49
N LEU A 138 -2.12 -7.49 -0.04
CA LEU A 138 -1.68 -8.58 -0.91
C LEU A 138 -2.17 -9.93 -0.39
N ILE A 139 -3.02 -10.62 -1.16
CA ILE A 139 -3.51 -11.92 -0.73
C ILE A 139 -2.84 -12.96 -1.61
N GLN A 140 -2.99 -14.23 -1.24
CA GLN A 140 -2.42 -15.33 -2.02
C GLN A 140 -3.38 -16.51 -2.16
N ILE A 141 -3.62 -16.87 -3.42
CA ILE A 141 -4.51 -17.96 -3.78
C ILE A 141 -3.87 -19.27 -3.30
N GLN A 142 -4.61 -20.04 -2.51
CA GLN A 142 -4.11 -21.31 -1.99
C GLN A 142 -4.26 -22.38 -3.08
N ASN A 143 -3.16 -22.99 -3.49
CA ASN A 143 -3.25 -24.03 -4.52
C ASN A 143 -3.45 -23.44 -5.92
N PRO A 144 -2.62 -22.45 -6.30
CA PRO A 144 -2.69 -21.81 -7.59
C PRO A 144 -2.37 -22.75 -8.74
N LYS A 145 -3.30 -22.86 -9.69
CA LYS A 145 -3.12 -23.71 -10.85
C LYS A 145 -3.51 -23.01 -12.14
N ASN A 146 -2.56 -22.90 -13.06
CA ASN A 146 -2.84 -22.31 -14.38
C ASN A 146 -3.41 -20.93 -14.40
N LEU A 147 -2.73 -20.00 -13.75
CA LEU A 147 -3.17 -18.62 -13.68
C LEU A 147 -2.40 -17.78 -14.70
N THR A 148 -2.91 -16.58 -14.94
CA THR A 148 -2.28 -15.62 -15.86
C THR A 148 -1.98 -14.35 -15.06
N ALA A 149 -0.75 -13.88 -15.08
CA ALA A 149 -0.49 -12.64 -14.33
C ALA A 149 -0.54 -11.45 -15.29
N ILE A 150 -0.67 -10.25 -14.73
CA ILE A 150 -0.71 -9.09 -15.60
C ILE A 150 0.71 -8.56 -15.61
N LYS A 151 1.15 -7.95 -16.70
CA LYS A 151 2.49 -7.38 -16.78
C LYS A 151 2.30 -5.93 -16.31
N ALA A 153 2.98 -1.82 -16.16
CA ALA A 153 3.53 -0.75 -16.96
C ALA A 153 4.19 0.23 -16.02
N ASP A 154 4.98 1.14 -16.58
CA ASP A 154 5.66 2.14 -15.76
C ASP A 154 4.73 3.35 -15.65
N SER A 155 4.07 3.49 -14.51
CA SER A 155 3.12 4.58 -14.34
C SER A 155 3.71 5.98 -14.43
N ASP A 156 5.01 6.13 -14.21
CA ASP A 156 5.62 7.45 -14.28
C ASP A 156 5.54 8.05 -15.69
N ALA A 157 5.34 7.20 -16.70
CA ALA A 157 5.25 7.64 -18.09
C ALA A 157 3.82 7.91 -18.57
N LEU A 158 2.85 7.90 -17.66
CA LEU A 158 1.47 8.17 -18.02
C LEU A 158 1.29 9.66 -18.25
N ARG A 159 0.49 10.02 -19.24
CA ARG A 159 0.22 11.42 -19.51
C ARG A 159 -1.28 11.61 -19.49
N VAL A 160 -1.74 12.79 -19.10
CA VAL A 160 -3.16 12.99 -19.03
C VAL A 160 -3.97 12.60 -20.24
N GLY A 161 -3.55 12.95 -21.45
CA GLY A 161 -4.40 12.52 -22.56
C GLY A 161 -4.61 11.01 -22.84
N ASP A 162 -3.82 10.15 -22.17
CA ASP A 162 -3.85 8.70 -22.37
C ASP A 162 -5.14 7.92 -22.18
N TYR A 163 -5.32 6.90 -23.00
CA TYR A 163 -6.52 6.07 -22.91
C TYR A 163 -6.39 5.03 -21.79
N THR A 164 -7.51 4.62 -21.22
CA THR A 164 -7.49 3.63 -20.15
C THR A 164 -8.72 2.73 -20.16
N VAL A 165 -8.55 1.46 -19.83
CA VAL A 165 -9.73 0.60 -19.71
C VAL A 165 -9.66 0.07 -18.27
N ALA A 166 -10.80 0.01 -17.58
CA ALA A 166 -10.85 -0.47 -16.19
C ALA A 166 -11.59 -1.78 -16.22
N ILE A 167 -11.08 -2.76 -15.46
CA ILE A 167 -11.67 -4.10 -15.38
C ILE A 167 -11.92 -4.47 -13.92
N GLY A 168 -13.12 -4.97 -13.62
CA GLY A 168 -13.43 -5.34 -12.24
C GLY A 168 -14.84 -5.86 -12.07
N ASN A 169 -15.29 -5.99 -10.82
CA ASN A 169 -16.62 -6.53 -10.56
C ASN A 169 -17.63 -5.58 -9.94
N PRO A 170 -18.20 -4.66 -10.73
CA PRO A 170 -19.19 -3.74 -10.16
C PRO A 170 -20.43 -4.50 -9.67
N PHE A 171 -20.86 -4.23 -8.45
CA PHE A 171 -22.04 -4.89 -7.85
C PHE A 171 -22.14 -6.40 -8.10
N GLY A 172 -21.02 -7.11 -8.04
CA GLY A 172 -21.05 -8.56 -8.23
C GLY A 172 -21.60 -9.10 -9.53
N LEU A 173 -21.89 -8.25 -10.49
CA LEU A 173 -22.40 -8.70 -11.79
C LEU A 173 -21.43 -9.64 -12.52
N GLY A 174 -20.13 -9.50 -12.25
CA GLY A 174 -19.13 -10.31 -12.93
C GLY A 174 -18.04 -9.45 -13.55
N GLU A 175 -17.13 -10.03 -14.34
CA GLU A 175 -16.04 -9.26 -14.95
C GLU A 175 -16.57 -8.23 -15.91
N THR A 176 -16.46 -6.97 -15.52
CA THR A 176 -16.96 -5.91 -16.35
C THR A 176 -15.82 -5.02 -16.82
N VAL A 177 -15.82 -4.68 -18.11
CA VAL A 177 -14.80 -3.79 -18.61
C VAL A 177 -15.44 -2.53 -19.15
N THR A 178 -14.91 -1.40 -18.71
CA THR A 178 -15.39 -0.07 -19.11
C THR A 178 -14.15 0.77 -19.47
N SER A 179 -14.31 1.77 -20.32
CA SER A 179 -13.13 2.59 -20.72
C SER A 179 -13.27 4.11 -20.63
N GLY A 180 -12.14 4.79 -20.73
CA GLY A 180 -12.11 6.25 -20.65
C GLY A 180 -10.71 6.78 -20.87
N ILE A 181 -10.39 7.89 -20.20
CA ILE A 181 -9.05 8.47 -20.31
C ILE A 181 -8.49 8.88 -18.97
N VAL A 182 -7.19 9.15 -18.94
CA VAL A 182 -6.52 9.61 -17.74
C VAL A 182 -7.00 11.06 -17.62
N SER A 183 -7.75 11.39 -16.59
CA SER A 183 -8.23 12.75 -16.48
C SER A 183 -7.24 13.64 -15.76
N ALA A 184 -6.41 13.05 -14.90
CA ALA A 184 -5.48 13.84 -14.13
C ALA A 184 -4.46 12.95 -13.43
N LEU A 185 -3.33 13.54 -13.03
CA LEU A 185 -2.31 12.76 -12.33
C LEU A 185 -1.99 13.41 -11.00
N GLY A 186 -1.58 12.61 -10.03
CA GLY A 186 -1.22 13.12 -8.72
C GLY A 186 -2.33 13.54 -7.79
N ARG A 187 -3.59 13.17 -8.05
CA ARG A 187 -4.65 13.61 -7.14
C ARG A 187 -4.44 13.00 -5.77
N SER A 188 -4.66 13.81 -4.74
CA SER A 188 -4.51 13.39 -3.35
C SER A 188 -5.34 14.34 -2.52
N GLY A 189 -5.76 13.91 -1.35
CA GLY A 189 -6.57 14.78 -0.52
C GLY A 189 -7.82 14.04 -0.08
N LEU A 190 -8.09 12.90 -0.72
CA LEU A 190 -9.26 12.11 -0.34
C LEU A 190 -9.18 11.86 1.16
N ASN A 191 -8.10 11.21 1.60
CA ASN A 191 -7.88 10.95 3.02
C ASN A 191 -6.46 11.41 3.39
N ALA A 192 -6.37 12.66 3.83
CA ALA A 192 -5.13 13.34 4.20
C ALA A 192 -4.08 12.66 5.08
N GLU A 193 -4.40 11.52 5.68
CA GLU A 193 -3.42 10.81 6.52
C GLU A 193 -2.66 9.74 5.73
N ASN A 194 -3.29 9.25 4.66
CA ASN A 194 -2.74 8.21 3.82
C ASN A 194 -1.73 8.71 2.80
N TYR A 195 -1.14 7.77 2.07
CA TYR A 195 -0.21 8.15 1.02
C TYR A 195 -1.05 8.08 -0.23
N GLU A 196 -1.18 9.17 -0.94
CA GLU A 196 -1.99 9.15 -2.15
C GLU A 196 -1.41 9.99 -3.29
N ASN A 197 -1.32 9.35 -4.45
CA ASN A 197 -0.81 9.95 -5.68
C ASN A 197 -1.64 9.31 -6.79
N PHE A 198 -2.96 9.44 -6.65
CA PHE A 198 -3.94 8.85 -7.56
C PHE A 198 -3.97 9.27 -9.00
N ILE A 199 -4.21 8.31 -9.87
CA ILE A 199 -4.41 8.56 -11.28
C ILE A 199 -5.93 8.76 -11.30
N GLN A 200 -6.40 9.77 -12.03
CA GLN A 200 -7.83 10.06 -12.11
C GLN A 200 -8.36 9.64 -13.48
N THR A 201 -9.49 8.92 -13.51
CA THR A 201 -10.03 8.50 -14.81
C THR A 201 -11.55 8.56 -14.91
N ASP A 202 -12.06 8.76 -16.12
CA ASP A 202 -13.50 8.82 -16.28
C ASP A 202 -14.08 7.51 -16.81
N ALA A 203 -13.29 6.42 -16.80
CA ALA A 203 -13.81 5.12 -17.20
C ALA A 203 -14.72 4.79 -16.01
N ALA A 204 -15.92 4.27 -16.28
CA ALA A 204 -16.89 3.96 -15.22
C ALA A 204 -16.33 3.06 -14.17
N ILE A 205 -16.52 3.48 -12.92
CA ILE A 205 -16.08 2.73 -11.77
C ILE A 205 -17.15 2.82 -10.68
N ASN A 206 -17.59 1.67 -10.20
CA ASN A 206 -18.59 1.62 -9.14
C ASN A 206 -18.20 0.61 -8.08
N ARG A 207 -19.02 0.48 -7.04
CA ARG A 207 -18.76 -0.45 -5.95
C ARG A 207 -18.63 -1.83 -6.53
N GLY A 208 -17.51 -2.48 -6.18
CA GLY A 208 -17.23 -3.81 -6.67
C GLY A 208 -15.93 -3.72 -7.43
N ASN A 209 -15.70 -2.55 -8.02
CA ASN A 209 -14.49 -2.31 -8.80
C ASN A 209 -13.18 -2.20 -7.99
N ALA A 210 -13.27 -1.86 -6.71
CA ALA A 210 -12.05 -1.70 -5.91
C ALA A 210 -11.20 -2.95 -6.02
N GLY A 211 -9.89 -2.76 -6.14
CA GLY A 211 -8.97 -3.88 -6.26
C GLY A 211 -8.81 -4.33 -7.71
N GLY A 212 -9.66 -3.81 -8.58
CA GLY A 212 -9.58 -4.17 -9.99
C GLY A 212 -8.45 -3.50 -10.75
N ALA A 213 -8.34 -3.79 -12.06
CA ALA A 213 -7.28 -3.24 -12.88
C ALA A 213 -7.61 -1.98 -13.66
N LEU A 214 -6.57 -1.22 -13.96
CA LEU A 214 -6.70 -0.01 -14.77
C LEU A 214 -5.51 -0.22 -15.70
N VAL A 215 -5.79 -0.54 -16.96
CA VAL A 215 -4.72 -0.81 -17.93
C VAL A 215 -4.68 0.13 -19.15
N ASN A 216 -3.52 0.21 -19.79
CA ASN A 216 -3.43 1.03 -20.98
C ASN A 216 -3.89 0.17 -22.17
N LEU A 217 -3.91 0.78 -23.37
CA LEU A 217 -4.37 0.05 -24.53
C LEU A 217 -3.58 -1.25 -24.79
N ASN A 218 -2.29 -1.25 -24.44
CA ASN A 218 -1.46 -2.44 -24.64
C ASN A 218 -1.72 -3.54 -23.62
N GLY A 219 -2.69 -3.35 -22.74
CA GLY A 219 -2.95 -4.38 -21.76
C GLY A 219 -2.09 -4.33 -20.50
N GLU A 220 -1.16 -3.37 -20.41
CA GLU A 220 -0.33 -3.28 -19.22
C GLU A 220 -1.02 -2.54 -18.07
N LEU A 221 -0.80 -3.04 -16.86
CA LEU A 221 -1.39 -2.46 -15.67
C LEU A 221 -0.71 -1.13 -15.28
N ILE A 222 -1.52 -0.08 -15.15
CA ILE A 222 -0.98 1.21 -14.77
C ILE A 222 -1.49 1.60 -13.39
N GLY A 223 -2.50 0.89 -12.91
CA GLY A 223 -3.02 1.21 -11.59
C GLY A 223 -4.02 0.23 -11.03
N ILE A 224 -4.42 0.46 -9.78
CA ILE A 224 -5.42 -0.37 -9.13
C ILE A 224 -6.54 0.59 -8.76
N ASN A 225 -7.74 0.35 -9.29
CA ASN A 225 -8.85 1.25 -9.01
C ASN A 225 -9.19 1.20 -7.53
N THR A 226 -9.26 2.37 -6.90
CA THR A 226 -9.51 2.43 -5.48
C THR A 226 -10.75 3.14 -5.00
N ALA A 227 -11.01 4.32 -5.52
CA ALA A 227 -12.16 5.08 -5.03
C ALA A 227 -12.76 6.03 -6.04
N ILE A 228 -13.92 6.58 -5.70
CA ILE A 228 -14.58 7.50 -6.63
C ILE A 228 -15.26 8.70 -6.02
N LEU A 229 -15.03 9.90 -6.51
CA LEU A 229 -15.77 11.03 -5.95
C LEU A 229 -17.16 10.69 -6.43
N ALA A 230 -18.16 10.79 -5.58
CA ALA A 230 -19.48 10.42 -6.03
C ALA A 230 -20.60 10.54 -5.02
N PRO A 231 -21.46 11.56 -5.17
CA PRO A 231 -22.57 11.70 -4.23
C PRO A 231 -23.60 10.64 -4.62
N ASP A 232 -24.18 9.96 -3.64
CA ASP A 232 -25.18 8.93 -3.91
C ASP A 232 -24.59 7.71 -4.61
N GLY A 233 -23.56 7.14 -4.00
CA GLY A 233 -22.90 5.95 -4.54
C GLY A 233 -23.19 5.54 -5.98
N GLY A 234 -22.83 6.43 -6.91
CA GLY A 234 -23.05 6.15 -8.31
C GLY A 234 -21.98 6.86 -9.08
N ASN A 235 -21.28 6.14 -9.95
CA ASN A 235 -20.22 6.76 -10.74
C ASN A 235 -20.71 8.03 -11.44
N ILE A 236 -19.87 9.05 -11.48
CA ILE A 236 -20.22 10.34 -12.07
C ILE A 236 -19.18 10.81 -13.11
N GLY A 237 -18.17 9.98 -13.36
CA GLY A 237 -17.16 10.39 -14.32
C GLY A 237 -15.84 10.68 -13.64
N ILE A 238 -15.79 10.50 -12.32
CA ILE A 238 -14.57 10.77 -11.58
C ILE A 238 -14.11 9.59 -10.72
N GLY A 239 -13.11 8.84 -11.19
CA GLY A 239 -12.62 7.71 -10.41
C GLY A 239 -11.12 7.79 -10.17
N PHE A 240 -10.64 7.14 -9.12
CA PHE A 240 -9.21 7.18 -8.79
C PHE A 240 -8.53 5.84 -8.68
N ALA A 241 -7.26 5.76 -9.07
CA ALA A 241 -6.55 4.49 -8.93
C ALA A 241 -5.12 4.73 -8.48
N ILE A 242 -4.60 3.86 -7.60
CA ILE A 242 -3.21 3.98 -7.12
C ILE A 242 -2.35 3.64 -8.31
N PRO A 243 -1.34 4.47 -8.59
CA PRO A 243 -0.52 4.13 -9.76
C PRO A 243 0.22 2.82 -9.55
N SER A 244 0.64 2.19 -10.64
CA SER A 244 1.31 0.92 -10.58
C SER A 244 2.70 0.93 -9.97
N ASN A 245 3.46 2.01 -10.10
CA ASN A 245 4.79 1.98 -9.49
C ASN A 245 4.65 1.84 -7.98
N VAL A 247 2.20 0.17 -6.40
CA VAL A 247 1.81 -1.22 -6.19
C VAL A 247 3.04 -2.14 -6.30
N LYS A 248 3.93 -1.86 -7.26
CA LYS A 248 5.12 -2.69 -7.43
C LYS A 248 6.11 -2.61 -6.25
N ASN A 249 6.13 -1.48 -5.53
CA ASN A 249 7.02 -1.36 -4.37
C ASN A 249 6.32 -1.96 -3.15
N LEU A 250 5.22 -1.34 -2.74
CA LEU A 250 4.47 -1.81 -1.59
C LEU A 250 4.24 -3.32 -1.67
N THR A 251 3.95 -3.80 -2.88
CA THR A 251 3.71 -5.21 -3.02
C THR A 251 4.97 -6.05 -2.83
N SER A 252 6.02 -5.85 -3.63
CA SER A 252 7.19 -6.70 -3.43
C SER A 252 7.65 -6.73 -1.96
N GLN A 253 7.53 -5.60 -1.28
CA GLN A 253 7.91 -5.56 0.13
C GLN A 253 7.10 -6.62 0.86
N VAL A 255 5.60 -9.21 0.02
CA VAL A 255 5.93 -10.57 -0.33
C VAL A 255 7.08 -11.06 0.54
N GLU A 256 8.14 -10.27 0.57
CA GLU A 256 9.32 -10.64 1.33
C GLU A 256 9.37 -10.32 2.83
N TYR A 257 8.27 -9.92 3.46
CA TYR A 257 8.35 -9.59 4.88
C TYR A 257 7.03 -9.57 5.63
N GLY A 258 5.93 -9.37 4.92
CA GLY A 258 4.65 -9.37 5.58
C GLY A 258 4.14 -7.98 5.88
N GLN A 259 5.04 -7.00 5.77
CA GLN A 259 4.65 -5.62 6.00
C GLN A 259 5.60 -4.75 5.20
N VAL A 260 5.31 -3.46 5.12
CA VAL A 260 6.19 -2.57 4.39
C VAL A 260 7.07 -1.85 5.40
N LYS A 261 8.39 -1.89 5.20
CA LYS A 261 9.31 -1.21 6.11
C LYS A 261 9.45 0.18 5.52
N ARG A 262 8.81 1.14 6.17
CA ARG A 262 8.76 2.55 5.76
C ARG A 262 9.99 3.39 6.06
N GLY A 263 10.52 4.05 5.03
CA GLY A 263 11.68 4.89 5.22
C GLY A 263 11.29 6.36 5.16
N GLU A 264 12.01 7.22 5.88
CA GLU A 264 11.70 8.65 5.88
C GLU A 264 12.95 9.51 5.62
N LEU A 265 12.74 10.70 5.03
CA LEU A 265 13.85 11.61 4.77
C LEU A 265 14.10 12.46 6.03
N GLY A 266 13.03 12.73 6.75
CA GLY A 266 13.17 13.50 7.95
C GLY A 266 12.99 14.98 7.73
N ILE A 267 12.00 15.37 6.95
CA ILE A 267 11.75 16.78 6.73
C ILE A 267 10.27 17.06 7.01
N GLY A 269 7.06 19.34 5.97
CA GLY A 269 6.74 20.13 4.80
C GLY A 269 5.32 20.60 4.63
N THR A 270 5.05 21.11 3.44
CA THR A 270 3.73 21.60 3.10
C THR A 270 3.69 21.97 1.63
N GLU A 271 2.48 21.92 1.07
CA GLU A 271 2.30 22.26 -0.33
C GLU A 271 2.79 23.68 -0.58
N LEU A 272 3.60 23.86 -1.63
CA LEU A 272 4.11 25.17 -1.97
C LEU A 272 3.18 25.88 -2.94
N ASN A 273 2.15 26.56 -2.42
CA ASN A 273 1.21 27.30 -3.28
C ASN A 273 1.78 28.64 -3.80
N SER A 274 1.03 29.35 -4.63
CA SER A 274 1.51 30.61 -5.21
C SER A 274 1.71 31.68 -4.15
N GLU A 275 0.83 31.73 -3.15
CA GLU A 275 0.94 32.72 -2.10
C GLU A 275 2.23 32.52 -1.31
N LEU A 276 2.42 31.34 -0.73
CA LEU A 276 3.63 31.06 0.03
C LEU A 276 4.91 31.31 -0.79
N ALA A 277 4.80 31.12 -2.10
CA ALA A 277 5.96 31.32 -2.96
C ALA A 277 6.36 32.79 -3.09
N LYS A 278 5.39 33.69 -2.93
CA LYS A 278 5.67 35.12 -3.02
C LYS A 278 6.38 35.48 -1.73
N ALA A 279 5.70 35.21 -0.61
CA ALA A 279 6.24 35.47 0.71
C ALA A 279 7.68 34.96 0.80
N LYS A 281 9.72 34.40 -1.92
CA LYS A 281 10.49 34.76 -3.12
C LYS A 281 11.00 33.57 -3.91
N VAL A 282 10.12 32.65 -4.30
CA VAL A 282 10.58 31.52 -5.10
C VAL A 282 9.77 31.42 -6.38
N ASP A 283 10.48 31.32 -7.50
CA ASP A 283 9.85 31.21 -8.82
C ASP A 283 9.42 29.77 -8.99
N ALA A 284 8.23 29.46 -8.49
CA ALA A 284 7.69 28.12 -8.56
C ALA A 284 6.35 28.16 -7.87
N GLN A 285 5.31 27.70 -8.55
CA GLN A 285 3.98 27.71 -7.98
C GLN A 285 3.57 26.33 -7.45
N ARG A 286 4.48 25.38 -7.55
CA ARG A 286 4.23 24.03 -7.09
C ARG A 286 5.50 23.33 -6.64
N GLY A 287 5.37 22.47 -5.63
CA GLY A 287 6.53 21.76 -5.13
C GLY A 287 6.43 21.52 -3.63
N ALA A 288 7.45 20.89 -3.05
CA ALA A 288 7.44 20.62 -1.63
C ALA A 288 8.28 21.65 -0.88
N PHE A 289 7.63 22.37 0.03
CA PHE A 289 8.32 23.38 0.82
C PHE A 289 8.81 22.80 2.13
N VAL A 290 10.12 22.86 2.35
CA VAL A 290 10.69 22.32 3.57
C VAL A 290 10.55 23.32 4.71
N SER A 291 9.77 22.91 5.71
CA SER A 291 9.48 23.69 6.90
C SER A 291 10.65 23.59 7.87
N GLN A 292 11.16 22.37 8.03
CA GLN A 292 12.30 22.11 8.91
C GLN A 292 12.82 20.68 8.74
N VAL A 293 14.12 20.47 8.91
CA VAL A 293 14.66 19.12 8.79
C VAL A 293 14.89 18.64 10.20
N LEU A 294 14.75 17.33 10.41
CA LEU A 294 14.95 16.74 11.73
C LEU A 294 16.43 16.53 11.96
N PRO A 295 16.86 16.63 13.22
CA PRO A 295 18.27 16.44 13.60
C PRO A 295 18.66 14.97 13.41
N ASN A 296 19.84 14.74 12.84
CA ASN A 296 20.31 13.38 12.59
C ASN A 296 19.41 12.57 11.66
N SER A 297 18.79 13.25 10.70
CA SER A 297 17.94 12.58 9.75
C SER A 297 18.73 12.53 8.46
N SER A 298 18.23 11.76 7.49
CA SER A 298 18.88 11.61 6.20
C SER A 298 19.03 12.99 5.57
N ALA A 299 17.93 13.73 5.54
CA ALA A 299 17.92 15.07 4.95
C ALA A 299 18.95 15.97 5.60
N ALA A 300 19.05 15.88 6.92
CA ALA A 300 19.99 16.69 7.69
C ALA A 300 21.40 16.44 7.16
N LYS A 301 21.82 15.18 7.20
CA LYS A 301 23.13 14.78 6.73
C LYS A 301 23.41 15.16 5.27
N ALA A 302 22.37 15.09 4.44
CA ALA A 302 22.52 15.42 3.01
C ALA A 302 22.74 16.89 2.76
N GLY A 303 22.32 17.73 3.71
CA GLY A 303 22.52 19.16 3.55
C GLY A 303 21.27 19.96 3.26
N ILE A 304 20.10 19.36 3.41
CA ILE A 304 18.86 20.08 3.18
C ILE A 304 18.61 21.03 4.36
N LYS A 305 18.31 22.29 4.05
CA LYS A 305 18.04 23.28 5.08
C LYS A 305 16.57 23.67 5.02
N ALA A 306 16.01 24.17 6.12
CA ALA A 306 14.62 24.59 6.09
C ALA A 306 14.55 25.71 5.05
N GLY A 307 13.34 26.06 4.64
CA GLY A 307 13.18 27.09 3.64
C GLY A 307 13.64 26.61 2.28
N ASP A 308 13.64 25.30 2.08
CA ASP A 308 14.03 24.75 0.79
C ASP A 308 12.83 24.26 0.01
N VAL A 309 12.91 24.32 -1.31
CA VAL A 309 11.82 23.83 -2.11
C VAL A 309 12.30 22.61 -2.87
N ILE A 310 11.65 21.48 -2.61
CA ILE A 310 12.02 20.24 -3.29
C ILE A 310 11.18 20.29 -4.54
N THR A 311 11.83 20.12 -5.68
CA THR A 311 11.12 20.25 -6.92
C THR A 311 11.17 19.02 -7.80
N SER A 312 11.99 18.05 -7.42
CA SER A 312 12.10 16.84 -8.22
C SER A 312 12.66 15.67 -7.44
N LEU A 313 12.12 14.48 -7.71
CA LEU A 313 12.62 13.26 -7.07
C LEU A 313 13.19 12.44 -8.23
N ASN A 314 14.40 11.91 -8.08
CA ASN A 314 15.01 11.12 -9.15
C ASN A 314 14.66 11.58 -10.58
N GLY A 315 15.16 12.75 -10.98
CA GLY A 315 14.88 13.26 -12.31
C GLY A 315 13.44 13.68 -12.54
N LYS A 316 12.52 12.94 -11.93
CA LYS A 316 11.09 13.24 -12.08
C LYS A 316 10.60 14.47 -11.32
N PRO A 317 9.94 15.40 -12.02
CA PRO A 317 9.43 16.62 -11.40
C PRO A 317 8.44 16.22 -10.33
N ILE A 318 8.28 17.02 -9.29
CA ILE A 318 7.38 16.67 -8.22
C ILE A 318 6.13 17.53 -8.13
N SER A 319 5.01 16.94 -8.57
CA SER A 319 3.69 17.60 -8.54
C SER A 319 3.46 18.43 -7.26
N SER A 320 3.66 17.81 -6.11
CA SER A 320 3.44 18.46 -4.83
C SER A 320 4.12 17.76 -3.66
N PHE A 321 3.82 18.20 -2.44
CA PHE A 321 4.40 17.59 -1.26
C PHE A 321 3.78 16.21 -1.06
N ALA A 322 2.47 16.13 -1.27
CA ALA A 322 1.71 14.89 -1.14
C ALA A 322 2.31 13.78 -1.99
N ALA A 323 2.69 14.09 -3.21
CA ALA A 323 3.28 13.08 -4.09
C ALA A 323 4.64 12.67 -3.53
N LEU A 324 5.48 13.66 -3.26
CA LEU A 324 6.81 13.43 -2.73
C LEU A 324 6.68 12.47 -1.55
N ARG A 325 5.72 12.74 -0.68
CA ARG A 325 5.50 11.88 0.47
C ARG A 325 5.16 10.47 0.01
N ALA A 326 4.12 10.36 -0.80
CA ALA A 326 3.69 9.07 -1.32
C ALA A 326 4.81 8.35 -2.06
N GLN A 327 5.64 9.10 -2.79
CA GLN A 327 6.76 8.51 -3.53
C GLN A 327 7.72 7.80 -2.57
N VAL A 328 8.40 8.58 -1.72
CA VAL A 328 9.37 7.97 -0.80
C VAL A 328 8.71 7.11 0.26
N GLY A 329 7.47 7.45 0.62
CA GLY A 329 6.76 6.67 1.63
C GLY A 329 6.43 5.27 1.12
N THR A 330 6.76 5.03 -0.14
CA THR A 330 6.51 3.77 -0.77
C THR A 330 7.82 3.00 -0.98
N PRO A 332 11.50 1.35 0.15
CA PRO A 332 12.04 0.61 1.29
C PRO A 332 13.29 1.24 1.92
N VAL A 333 13.39 1.12 3.25
CA VAL A 333 14.52 1.67 3.99
C VAL A 333 15.85 1.29 3.36
N GLY A 334 16.68 2.29 3.10
CA GLY A 334 17.98 2.00 2.51
C GLY A 334 18.05 2.35 1.04
N SER A 335 16.91 2.64 0.42
CA SER A 335 16.91 2.98 -0.99
C SER A 335 17.76 4.23 -1.21
N LYS A 336 18.48 4.29 -2.34
CA LYS A 336 19.30 5.45 -2.64
C LYS A 336 18.57 6.33 -3.65
N LEU A 337 18.27 7.56 -3.27
CA LEU A 337 17.56 8.49 -4.13
C LEU A 337 18.31 9.81 -4.24
N THR A 338 17.83 10.69 -5.10
CA THR A 338 18.47 12.01 -5.24
C THR A 338 17.39 13.06 -5.41
N LEU A 339 17.44 14.09 -4.59
CA LEU A 339 16.44 15.14 -4.63
C LEU A 339 16.89 16.39 -5.36
N GLY A 340 15.93 17.02 -6.03
CA GLY A 340 16.19 18.25 -6.75
C GLY A 340 15.74 19.38 -5.84
N LEU A 341 16.70 20.21 -5.41
CA LEU A 341 16.40 21.33 -4.51
C LEU A 341 16.42 22.69 -5.17
N LEU A 342 15.83 23.64 -4.46
CA LEU A 342 15.75 25.02 -4.90
C LEU A 342 15.87 25.92 -3.69
N ARG A 343 17.10 26.32 -3.34
CA ARG A 343 17.32 27.21 -2.19
C ARG A 343 17.85 28.56 -2.66
N ASP A 344 17.17 29.62 -2.26
CA ASP A 344 17.54 30.99 -2.65
C ASP A 344 17.77 31.10 -4.14
N GLY A 345 16.72 30.84 -4.91
CA GLY A 345 16.82 30.96 -6.35
C GLY A 345 17.78 30.02 -7.06
N LYS A 346 18.69 29.40 -6.34
CA LYS A 346 19.64 28.49 -7.00
C LYS A 346 19.23 27.02 -6.96
N GLN A 347 19.43 26.33 -8.08
CA GLN A 347 19.12 24.92 -8.20
C GLN A 347 20.12 24.14 -7.35
N VAL A 348 19.68 23.00 -6.81
CA VAL A 348 20.54 22.16 -5.99
C VAL A 348 20.25 20.67 -6.24
N ASN A 349 21.27 19.84 -6.10
CA ASN A 349 21.15 18.40 -6.28
C ASN A 349 21.77 17.67 -5.10
N VAL A 350 20.98 16.87 -4.40
CA VAL A 350 21.50 16.15 -3.24
C VAL A 350 21.21 14.65 -3.27
N ASN A 351 22.09 13.87 -2.64
CA ASN A 351 21.96 12.41 -2.58
C ASN A 351 21.56 11.96 -1.18
N LEU A 352 20.47 11.22 -1.10
CA LEU A 352 19.97 10.74 0.18
C LEU A 352 19.85 9.23 0.26
N GLU A 353 19.79 8.73 1.48
CA GLU A 353 19.64 7.31 1.74
C GLU A 353 18.52 7.18 2.77
N LEU A 354 17.34 6.79 2.30
CA LEU A 354 16.20 6.61 3.20
C LEU A 354 16.64 5.87 4.45
N GLN A 355 16.18 6.33 5.60
CA GLN A 355 16.56 5.69 6.84
C GLN A 355 15.37 5.09 7.55
N GLN A 356 15.61 4.63 8.78
CA GLN A 356 14.58 3.99 9.59
C GLN A 356 13.35 4.86 9.74
N SER A 357 12.61 4.68 10.83
CA SER A 357 11.40 5.47 11.05
C SER A 357 10.66 5.03 12.31
N SER A 358 9.43 5.53 12.48
CA SER A 358 8.59 5.19 13.62
C SER A 358 7.19 4.86 13.09
N GLN A 359 7.16 4.35 11.86
CA GLN A 359 5.93 3.98 11.14
C GLN A 359 4.91 3.20 11.98
N ASN A 360 3.71 3.73 12.09
CA ASN A 360 2.64 3.05 12.83
C ASN A 360 1.95 2.08 11.88
N GLN A 361 2.28 0.81 12.04
CA GLN A 361 1.73 -0.22 11.17
C GLN A 361 1.29 -1.47 11.92
N VAL A 362 1.02 -2.50 11.14
CA VAL A 362 0.59 -3.81 11.61
C VAL A 362 0.26 -3.82 13.10
N ASP A 363 -1.03 -3.83 13.42
CA ASP A 363 -1.49 -3.86 14.81
C ASP A 363 -1.73 -5.35 15.14
N SER A 364 -1.60 -5.72 16.41
CA SER A 364 -1.80 -7.13 16.80
C SER A 364 -3.14 -7.67 16.28
N SER A 365 -3.94 -6.79 15.69
CA SER A 365 -5.25 -7.15 15.16
C SER A 365 -5.23 -7.59 13.68
N SER A 366 -4.25 -7.10 12.93
CA SER A 366 -4.12 -7.44 11.51
C SER A 366 -3.53 -8.84 11.30
N ILE A 367 -2.92 -9.40 12.34
CA ILE A 367 -2.30 -10.73 12.26
C ILE A 367 -3.07 -11.76 13.10
N PHE A 368 -3.81 -11.29 14.11
CA PHE A 368 -4.60 -12.17 14.98
C PHE A 368 -6.09 -12.11 14.65
N ASN A 369 -6.48 -11.11 13.88
CA ASN A 369 -7.87 -10.92 13.48
C ASN A 369 -8.81 -10.89 14.69
N GLY A 370 -8.82 -9.75 15.40
CA GLY A 370 -9.69 -9.62 16.55
C GLY A 370 -9.01 -9.44 17.90
N ILE A 371 -7.71 -9.75 17.98
CA ILE A 371 -6.98 -9.62 19.24
C ILE A 371 -6.46 -8.19 19.42
N GLU A 372 -7.32 -7.32 19.93
CA GLU A 372 -6.94 -5.94 20.17
C GLU A 372 -5.70 -6.01 21.04
N GLY A 373 -4.83 -5.00 20.92
CA GLY A 373 -3.63 -4.99 21.74
C GLY A 373 -2.42 -4.44 21.03
N ALA A 374 -1.31 -4.39 21.76
CA ALA A 374 -0.05 -3.88 21.25
C ALA A 374 0.15 -4.01 19.75
N GLU A 375 0.83 -3.01 19.18
CA GLU A 375 1.10 -3.02 17.76
C GLU A 375 2.34 -3.90 17.58
N SER A 377 5.62 -5.40 14.62
CA SER A 377 6.36 -5.13 13.40
C SER A 377 7.60 -5.99 13.38
N ASN A 378 8.21 -6.12 12.20
CA ASN A 378 9.42 -6.91 12.09
C ASN A 378 10.47 -6.32 13.00
N LYS A 379 11.66 -6.92 13.01
CA LYS A 379 12.76 -6.44 13.84
C LYS A 379 14.07 -6.74 13.14
N GLY A 380 14.87 -5.70 12.88
CA GLY A 380 16.14 -5.90 12.21
C GLY A 380 16.02 -6.87 11.04
N LYS A 381 17.03 -7.71 10.83
CA LYS A 381 16.97 -8.70 9.76
C LYS A 381 15.86 -9.65 10.18
N ASP A 382 15.74 -10.80 9.54
CA ASP A 382 14.70 -11.73 9.93
C ASP A 382 14.95 -12.21 11.37
N GLN A 383 14.68 -11.33 12.33
CA GLN A 383 14.91 -11.63 13.73
C GLN A 383 13.62 -11.92 14.49
N GLY A 384 12.49 -11.85 13.81
CA GLY A 384 11.21 -12.11 14.45
C GLY A 384 10.35 -10.89 14.64
N VAL A 385 9.09 -11.11 15.03
CA VAL A 385 8.14 -10.03 15.25
C VAL A 385 8.33 -9.38 16.62
N VAL A 386 8.33 -8.06 16.64
CA VAL A 386 8.48 -7.28 17.88
C VAL A 386 7.15 -6.65 18.24
N VAL A 387 6.80 -6.68 19.53
CA VAL A 387 5.54 -6.09 19.95
C VAL A 387 5.82 -4.62 20.34
N ASN A 388 5.36 -3.72 19.46
CA ASN A 388 5.55 -2.27 19.60
C ASN A 388 5.14 -1.64 20.93
N ASN A 389 3.83 -1.51 21.14
CA ASN A 389 3.28 -0.88 22.35
C ASN A 389 1.95 -1.51 22.75
N VAL A 390 1.91 -2.12 23.94
CA VAL A 390 0.68 -2.74 24.45
C VAL A 390 -0.19 -1.66 25.12
N LYS A 391 -1.49 -1.67 24.84
CA LYS A 391 -2.39 -0.70 25.43
C LYS A 391 -2.65 -0.96 26.91
N THR A 392 -3.85 -1.42 27.24
CA THR A 392 -4.23 -1.69 28.62
C THR A 392 -5.37 -2.70 28.71
N GLY A 393 -6.55 -2.28 28.30
CA GLY A 393 -7.71 -3.15 28.33
C GLY A 393 -7.83 -3.97 27.06
N THR A 394 -6.81 -3.87 26.21
CA THR A 394 -6.77 -4.59 24.94
C THR A 394 -6.50 -6.09 25.14
N PRO A 395 -7.39 -6.96 24.64
CA PRO A 395 -7.32 -8.42 24.73
C PRO A 395 -5.94 -9.06 24.57
N ALA A 396 -5.10 -8.50 23.70
CA ALA A 396 -3.76 -9.04 23.48
C ALA A 396 -2.96 -9.01 24.78
N ALA A 397 -2.91 -7.85 25.42
CA ALA A 397 -2.18 -7.71 26.68
C ALA A 397 -2.87 -8.59 27.73
N GLN A 398 -4.08 -9.03 27.42
CA GLN A 398 -4.84 -9.89 28.33
C GLN A 398 -4.48 -11.36 28.20
N ILE A 399 -3.32 -11.64 27.65
CA ILE A 399 -2.85 -13.02 27.49
C ILE A 399 -1.35 -13.06 27.78
N GLY A 400 -0.87 -12.01 28.42
CA GLY A 400 0.54 -11.93 28.76
C GLY A 400 1.35 -11.19 27.71
N LEU A 401 0.68 -10.50 26.79
CA LEU A 401 1.38 -9.77 25.75
C LEU A 401 1.87 -8.40 26.23
N LYS A 402 3.17 -8.33 26.49
CA LYS A 402 3.78 -7.09 26.96
C LYS A 402 4.75 -6.48 25.96
N LYS A 403 4.67 -5.17 25.81
CA LYS A 403 5.55 -4.43 24.91
C LYS A 403 7.02 -4.76 25.20
N GLY A 404 7.79 -5.01 24.15
CA GLY A 404 9.19 -5.34 24.32
C GLY A 404 9.44 -6.81 24.00
N ASP A 405 8.36 -7.57 23.88
CA ASP A 405 8.46 -8.99 23.57
C ASP A 405 8.85 -9.21 22.12
N VAL A 406 9.57 -10.30 21.87
CA VAL A 406 10.03 -10.62 20.52
C VAL A 406 9.66 -12.04 20.05
N ILE A 407 8.43 -12.21 19.59
CA ILE A 407 7.95 -13.49 19.08
C ILE A 407 9.01 -14.11 18.14
N ILE A 408 9.72 -15.13 18.61
CA ILE A 408 10.76 -15.74 17.80
C ILE A 408 10.36 -17.13 17.24
N GLY A 409 9.12 -17.52 17.45
CA GLY A 409 8.61 -18.80 16.96
C GLY A 409 7.16 -19.05 17.38
N ALA A 410 6.49 -20.01 16.73
CA ALA A 410 5.09 -20.32 17.08
C ALA A 410 4.76 -21.76 16.74
N ASN A 411 4.32 -22.52 17.74
CA ASN A 411 3.98 -23.91 17.54
C ASN A 411 5.15 -24.67 16.92
N GLN A 412 6.34 -24.52 17.51
CA GLN A 412 7.51 -25.22 17.02
C GLN A 412 7.91 -24.87 15.60
N GLN A 413 7.63 -23.64 15.21
CA GLN A 413 8.00 -23.12 13.88
C GLN A 413 8.67 -21.77 14.12
N ALA A 414 9.78 -21.52 13.42
CA ALA A 414 10.49 -20.25 13.61
C ALA A 414 9.78 -19.08 12.94
N VAL A 415 9.72 -17.95 13.66
CA VAL A 415 9.10 -16.76 13.13
C VAL A 415 10.13 -15.65 12.91
N LYS A 416 10.60 -15.50 11.68
CA LYS A 416 11.60 -14.49 11.32
C LYS A 416 10.98 -13.12 11.12
N ASN A 417 9.71 -13.09 10.70
CA ASN A 417 9.02 -11.84 10.47
C ASN A 417 7.53 -12.11 10.40
N ILE A 418 6.75 -11.05 10.21
CA ILE A 418 5.30 -11.17 10.18
C ILE A 418 4.73 -12.14 9.16
N ALA A 419 5.40 -12.35 8.03
CA ALA A 419 4.90 -13.28 7.00
C ALA A 419 4.84 -14.70 7.55
N GLU A 420 5.96 -15.20 8.08
CA GLU A 420 6.03 -16.53 8.66
C GLU A 420 5.03 -16.71 9.80
N LEU A 421 4.95 -15.72 10.68
CA LEU A 421 4.03 -15.76 11.81
C LEU A 421 2.61 -16.00 11.30
N ARG A 422 2.26 -15.31 10.22
CA ARG A 422 0.93 -15.41 9.60
C ARG A 422 0.79 -16.77 8.89
N LYS A 423 1.90 -17.48 8.74
CA LYS A 423 1.88 -18.79 8.07
C LYS A 423 1.41 -19.86 9.08
N VAL A 424 1.97 -19.80 10.28
CA VAL A 424 1.60 -20.70 11.35
C VAL A 424 0.12 -20.52 11.66
N LEU A 425 -0.33 -19.25 11.72
CA LEU A 425 -1.73 -18.94 11.99
C LEU A 425 -2.64 -19.38 10.84
N ASP A 426 -2.05 -19.44 9.65
CA ASP A 426 -2.80 -19.83 8.47
C ASP A 426 -3.37 -21.25 8.57
N SER A 427 -2.60 -22.15 9.18
CA SER A 427 -3.02 -23.54 9.34
C SER A 427 -4.17 -23.62 10.32
N LYS A 428 -4.35 -22.56 11.09
CA LYS A 428 -5.44 -22.48 12.07
C LYS A 428 -5.40 -23.49 13.20
N PRO A 429 -4.36 -23.42 14.06
CA PRO A 429 -4.22 -24.33 15.20
C PRO A 429 -5.32 -24.04 16.21
N SER A 430 -5.53 -24.94 17.16
CA SER A 430 -6.54 -24.78 18.19
C SER A 430 -5.91 -23.97 19.32
N VAL A 431 -4.62 -24.20 19.52
CA VAL A 431 -3.85 -23.51 20.54
C VAL A 431 -2.58 -22.99 19.87
N LEU A 432 -2.40 -21.69 19.98
CA LEU A 432 -1.26 -21.00 19.41
C LEU A 432 -0.24 -20.86 20.54
N ALA A 433 0.91 -21.51 20.40
CA ALA A 433 1.93 -21.46 21.43
C ALA A 433 3.05 -20.49 21.03
N LEU A 434 2.94 -19.24 21.47
CA LEU A 434 3.96 -18.24 21.15
C LEU A 434 5.22 -18.39 21.98
N ASN A 435 6.36 -18.41 21.29
CA ASN A 435 7.65 -18.55 21.94
C ASN A 435 8.35 -17.20 21.85
N ILE A 436 8.04 -16.30 22.76
CA ILE A 436 8.62 -14.95 22.76
C ILE A 436 9.78 -14.81 23.75
N GLN A 437 10.50 -13.70 23.63
CA GLN A 437 11.62 -13.42 24.53
C GLN A 437 11.49 -12.06 25.22
N ARG A 438 11.35 -12.12 26.54
CA ARG A 438 11.26 -10.94 27.42
C ARG A 438 12.64 -10.85 28.00
N GLY A 439 13.29 -9.69 27.87
CA GLY A 439 14.62 -9.54 28.41
C GLY A 439 15.49 -10.74 28.08
N ASP A 440 16.24 -11.22 29.06
CA ASP A 440 17.13 -12.35 28.84
C ASP A 440 16.49 -13.71 29.17
N SER A 441 15.17 -13.79 29.00
CA SER A 441 14.43 -15.01 29.27
C SER A 441 13.53 -15.43 28.11
N THR A 442 13.37 -16.74 27.95
CA THR A 442 12.52 -17.30 26.91
C THR A 442 11.23 -17.71 27.58
N ILE A 443 10.11 -17.23 27.07
CA ILE A 443 8.82 -17.59 27.67
C ILE A 443 7.81 -18.07 26.63
N TYR A 444 6.65 -18.53 27.08
CA TYR A 444 5.64 -19.02 26.17
C TYR A 444 4.26 -18.47 26.45
N LEU A 445 3.63 -17.86 25.45
CA LEU A 445 2.29 -17.33 25.62
C LEU A 445 1.31 -18.24 24.91
N LEU A 446 0.26 -18.65 25.60
CA LEU A 446 -0.73 -19.55 25.04
C LEU A 446 -1.97 -18.82 24.54
N GLN A 448 -6.02 -19.58 22.08
CA GLN A 448 -7.01 -20.54 21.58
C GLN A 448 -7.92 -19.91 20.53
N UNK B 1 -1.74 22.51 7.69
CA UNK B 1 -0.96 21.81 8.72
C UNK B 1 0.33 21.24 8.12
N UNK B 2 1.33 21.05 8.97
CA UNK B 2 2.60 20.50 8.52
C UNK B 2 2.48 18.97 8.41
N UNK B 3 3.27 18.38 7.52
CA UNK B 3 3.26 16.94 7.31
C UNK B 3 4.72 16.49 7.24
N UNK B 4 4.97 15.22 7.52
CA UNK B 4 6.33 14.67 7.52
C UNK B 4 6.54 13.67 6.39
N UNK B 5 7.71 13.74 5.77
CA UNK B 5 8.04 12.84 4.67
C UNK B 5 9.53 12.52 4.68
#